data_4Q4B
#
_entry.id   4Q4B
#
_cell.length_a   63.729
_cell.length_b   95.943
_cell.length_c   217.816
_cell.angle_alpha   90.00
_cell.angle_beta   90.00
_cell.angle_gamma   90.00
#
_symmetry.space_group_name_H-M   'C 2 2 21'
#
loop_
_entity.id
_entity.type
_entity.pdbx_description
1 polymer 'Lysosome membrane protein 2'
2 branched alpha-D-mannopyranose-(1-3)-beta-D-mannopyranose-(1-4)-2-acetamido-2-deoxy-beta-D-glucopyranose-(1-4)-2-acetamido-2-deoxy-beta-D-glucopyranose
3 branched 2-acetamido-2-deoxy-beta-D-glucopyranose-(1-4)-2-acetamido-2-deoxy-beta-D-glucopyranose
4 branched beta-D-mannopyranose-(1-4)-2-acetamido-2-deoxy-beta-D-glucopyranose-(1-4)-2-acetamido-2-deoxy-beta-D-glucopyranose
5 branched alpha-D-mannopyranose-(1-2)-alpha-D-mannopyranose-(1-2)-alpha-D-mannopyranose-(1-3)-[alpha-D-mannopyranose-(1-2)-alpha-D-mannopyranose-(1-3)-[alpha-D-mannopyranose-(1-2)-alpha-D-mannopyranose-(1-6)]alpha-D-mannopyranose-(1-6)]beta-D-mannopyranose-(1-4)-2-acetamido-2-deoxy-beta-D-glucopyranose-(1-4)-2-acetamido-2-deoxy-beta-D-glucopyranose
6 branched alpha-D-mannopyranose-(1-3)-[alpha-D-mannopyranose-(1-6)]beta-D-mannopyranose-(1-4)-2-acetamido-2-deoxy-beta-D-glucopyranose-(1-4)-2-acetamido-2-deoxy-beta-D-glucopyranose
7 non-polymer 2-acetamido-2-deoxy-beta-D-glucopyranose
8 non-polymer 'SODIUM ION'
#
_entity_poly.entity_id   1
_entity_poly.type   'polypeptide(L)'
_entity_poly.pdbx_seq_one_letter_code
;ETGVFQKAVDQSIEKKIVLRNGTEAFDSWEKPPLPVYTQFYFFNVTNPEEILRGETPRVEEVGPYTYRELRNKANIQFGD
NGTTISAVSNKAYVFERDQSVGDPKIDLIRTLNIPVLTVIEWSQVHFLREIIEAMLKAYQQKLFVTHTVDELLWGYKDEI
LSLIHVFRPDISPYFGLFYEKNGTNDGDYVFLTGEDSYLNFTKIVEWNGKTSLDWWITDKCNMINGTDGDSFHPLITKDE
VLYVFPSDFCRSVYITFSDYESVQGLPAFRYKVPAEILANTSDNAGFCIPEGNCLGSGVLNVSICKNGAPIIMSFPHFYQ
ADERFVSAIEGMHPNQEDHETFVDINPLTGIILKAAKRFQINIYVKKLDDFVETGDIRTMVFPVMYLNESVHIDKETASR
LKSMINTGTKHHHHHH
;
_entity_poly.pdbx_strand_id   A
#
# COMPACT_ATOMS: atom_id res chain seq x y z
N ILE A 13 6.96 -29.78 20.86
CA ILE A 13 7.61 -28.48 20.56
C ILE A 13 7.69 -28.28 19.05
N GLU A 14 7.16 -27.15 18.58
CA GLU A 14 7.19 -26.81 17.16
C GLU A 14 8.36 -25.89 16.83
N LYS A 15 9.54 -26.48 16.74
CA LYS A 15 10.76 -25.76 16.37
C LYS A 15 11.21 -26.13 14.95
N LYS A 16 10.37 -26.85 14.21
CA LYS A 16 10.62 -27.15 12.80
C LYS A 16 10.20 -25.97 11.91
N ILE A 17 9.33 -25.09 12.44
CA ILE A 17 9.01 -23.83 11.78
C ILE A 17 10.17 -22.86 12.02
N VAL A 18 11.23 -23.05 11.24
CA VAL A 18 12.42 -22.21 11.27
C VAL A 18 13.02 -22.21 9.87
N LEU A 19 13.46 -21.04 9.42
CA LEU A 19 14.01 -20.90 8.08
C LEU A 19 15.41 -21.53 8.01
N ARG A 20 15.44 -22.83 7.76
CA ARG A 20 16.68 -23.58 7.52
C ARG A 20 16.55 -24.36 6.22
N ASN A 21 17.63 -24.41 5.44
CA ASN A 21 17.63 -25.14 4.17
C ASN A 21 17.54 -26.64 4.45
N GLY A 22 16.31 -27.17 4.40
CA GLY A 22 16.02 -28.54 4.80
C GLY A 22 14.59 -28.71 5.28
N THR A 23 14.08 -27.71 5.99
CA THR A 23 12.70 -27.71 6.47
C THR A 23 11.73 -27.30 5.36
N GLU A 24 10.48 -27.73 5.49
CA GLU A 24 9.42 -27.37 4.55
C GLU A 24 8.94 -25.93 4.75
N ALA A 25 9.14 -25.40 5.95
CA ALA A 25 8.80 -24.01 6.27
C ALA A 25 9.65 -23.03 5.44
N PHE A 26 10.92 -23.36 5.28
CA PHE A 26 11.82 -22.56 4.43
C PHE A 26 11.36 -22.53 2.99
N ASP A 27 10.96 -23.69 2.47
CA ASP A 27 10.51 -23.79 1.07
C ASP A 27 9.24 -22.98 0.82
N SER A 28 8.33 -22.97 1.78
CA SER A 28 7.12 -22.16 1.70
C SER A 28 7.41 -20.66 1.80
N TRP A 29 8.42 -20.31 2.58
CA TRP A 29 8.87 -18.92 2.68
C TRP A 29 9.59 -18.49 1.39
N GLU A 30 10.42 -19.39 0.84
CA GLU A 30 11.14 -19.14 -0.40
C GLU A 30 10.18 -19.06 -1.58
N LYS A 31 9.32 -20.08 -1.70
CA LYS A 31 8.36 -20.17 -2.81
C LYS A 31 6.95 -20.40 -2.25
N PRO A 32 6.25 -19.31 -1.90
CA PRO A 32 4.90 -19.40 -1.35
C PRO A 32 3.94 -20.16 -2.26
N PRO A 33 3.41 -21.31 -1.78
CA PRO A 33 2.54 -22.14 -2.61
C PRO A 33 1.16 -21.51 -2.87
N LEU A 34 0.60 -20.82 -1.88
CA LEU A 34 -0.70 -20.20 -2.01
C LEU A 34 -0.67 -19.01 -2.95
N PRO A 35 -1.57 -18.99 -3.95
CA PRO A 35 -1.63 -17.85 -4.86
C PRO A 35 -2.28 -16.63 -4.20
N VAL A 36 -1.69 -15.46 -4.42
CA VAL A 36 -2.19 -14.20 -3.89
C VAL A 36 -2.75 -13.37 -5.04
N TYR A 37 -3.89 -12.74 -4.82
CA TYR A 37 -4.56 -11.93 -5.83
C TYR A 37 -4.74 -10.51 -5.36
N THR A 38 -4.35 -9.55 -6.20
CA THR A 38 -4.62 -8.14 -5.96
C THR A 38 -5.70 -7.67 -6.92
N GLN A 39 -6.68 -6.94 -6.40
CA GLN A 39 -7.81 -6.45 -7.18
C GLN A 39 -7.86 -4.95 -7.09
N PHE A 40 -7.85 -4.28 -8.25
CA PHE A 40 -7.81 -2.82 -8.28
C PHE A 40 -9.20 -2.25 -8.58
N TYR A 41 -9.57 -1.20 -7.84
CA TYR A 41 -10.84 -0.53 -8.00
C TYR A 41 -10.59 0.97 -8.16
N PHE A 42 -11.20 1.58 -9.17
CA PHE A 42 -10.94 2.98 -9.49
C PHE A 42 -12.19 3.85 -9.31
N PHE A 43 -11.94 5.12 -9.01
CA PHE A 43 -13.01 6.10 -8.84
C PHE A 43 -13.04 7.05 -10.03
N ASN A 44 -14.05 6.88 -10.86
CA ASN A 44 -14.19 7.60 -12.12
C ASN A 44 -14.92 8.91 -11.88
N VAL A 45 -14.26 10.03 -12.17
CA VAL A 45 -14.79 11.35 -11.85
C VAL A 45 -15.86 11.73 -12.85
N THR A 46 -17.08 11.98 -12.38
CA THR A 46 -18.22 12.21 -13.27
C THR A 46 -18.50 13.69 -13.57
N ASN A 47 -17.93 14.61 -12.80
CA ASN A 47 -18.18 16.04 -13.00
C ASN A 47 -16.91 16.91 -12.85
N PRO A 48 -15.89 16.67 -13.69
CA PRO A 48 -14.61 17.38 -13.57
C PRO A 48 -14.71 18.90 -13.71
N GLU A 49 -15.52 19.37 -14.66
CA GLU A 49 -15.68 20.81 -14.89
C GLU A 49 -16.34 21.51 -13.70
N GLU A 50 -17.26 20.82 -13.03
CA GLU A 50 -17.98 21.37 -11.89
C GLU A 50 -17.09 21.35 -10.65
N ILE A 51 -16.20 20.37 -10.56
CA ILE A 51 -15.22 20.29 -9.48
C ILE A 51 -14.24 21.45 -9.55
N LEU A 52 -13.80 21.77 -10.76
CA LEU A 52 -12.94 22.95 -10.98
C LEU A 52 -13.68 24.26 -10.74
N ARG A 53 -15.01 24.23 -10.76
CA ARG A 53 -15.83 25.38 -10.41
C ARG A 53 -16.27 25.35 -8.94
N GLY A 54 -15.61 24.52 -8.12
CA GLY A 54 -15.80 24.53 -6.68
C GLY A 54 -16.98 23.73 -6.13
N GLU A 55 -17.51 22.80 -6.91
CA GLU A 55 -18.64 21.97 -6.47
C GLU A 55 -18.17 20.62 -5.93
N THR A 56 -19.08 19.92 -5.25
CA THR A 56 -18.76 18.64 -4.62
C THR A 56 -18.50 17.55 -5.67
N PRO A 57 -17.32 16.90 -5.60
CA PRO A 57 -17.01 15.81 -6.53
C PRO A 57 -18.01 14.68 -6.52
N ARG A 58 -18.14 14.00 -7.65
CA ARG A 58 -19.00 12.84 -7.76
C ARG A 58 -18.24 11.76 -8.51
N VAL A 59 -18.04 10.62 -7.85
CA VAL A 59 -17.23 9.53 -8.39
C VAL A 59 -18.02 8.23 -8.51
N GLU A 60 -17.55 7.36 -9.39
CA GLU A 60 -18.11 6.02 -9.52
C GLU A 60 -17.03 4.96 -9.34
N GLU A 61 -17.33 3.99 -8.48
CA GLU A 61 -16.44 2.86 -8.26
C GLU A 61 -16.44 1.99 -9.52
N VAL A 62 -15.26 1.56 -9.95
CA VAL A 62 -15.13 0.70 -11.12
C VAL A 62 -14.10 -0.38 -10.82
N GLY A 63 -14.53 -1.64 -10.86
CA GLY A 63 -13.65 -2.76 -10.57
C GLY A 63 -14.44 -4.04 -10.36
N PRO A 64 -13.74 -5.15 -10.09
CA PRO A 64 -12.29 -5.25 -9.92
C PRO A 64 -11.51 -5.41 -11.23
N TYR A 65 -10.24 -5.05 -11.17
CA TYR A 65 -9.26 -5.47 -12.17
C TYR A 65 -8.29 -6.39 -11.43
N THR A 66 -8.47 -7.68 -11.64
CA THR A 66 -7.84 -8.67 -10.80
C THR A 66 -6.56 -9.21 -11.43
N TYR A 67 -5.48 -9.16 -10.66
CA TYR A 67 -4.18 -9.68 -11.08
C TYR A 67 -3.74 -10.75 -10.10
N ARG A 68 -3.29 -11.89 -10.62
CA ARG A 68 -2.69 -12.93 -9.80
C ARG A 68 -1.22 -12.59 -9.59
N GLU A 69 -0.73 -12.78 -8.36
CA GLU A 69 0.65 -12.45 -8.02
C GLU A 69 1.58 -13.64 -8.17
N LEU A 70 2.83 -13.35 -8.54
CA LEU A 70 3.91 -14.34 -8.54
C LEU A 70 4.94 -13.90 -7.52
N ARG A 71 5.04 -14.65 -6.41
CA ARG A 71 5.92 -14.29 -5.30
C ARG A 71 7.08 -15.26 -5.19
N ASN A 72 8.26 -14.72 -4.87
CA ASN A 72 9.42 -15.53 -4.56
C ASN A 72 10.48 -14.70 -3.82
N LYS A 73 11.43 -15.39 -3.20
CA LYS A 73 12.57 -14.75 -2.55
C LYS A 73 13.82 -14.99 -3.38
N ALA A 74 14.67 -13.97 -3.45
CA ALA A 74 15.93 -14.04 -4.20
C ALA A 74 17.08 -13.48 -3.38
N ASN A 75 18.30 -13.71 -3.87
CA ASN A 75 19.53 -13.32 -3.15
C ASN A 75 19.53 -13.83 -1.72
N ILE A 76 19.10 -15.09 -1.56
CA ILE A 76 18.91 -15.68 -0.24
C ILE A 76 20.28 -16.05 0.33
N GLN A 77 20.61 -15.48 1.49
CA GLN A 77 21.91 -15.71 2.12
C GLN A 77 21.77 -15.82 3.65
N PHE A 78 22.30 -16.91 4.20
CA PHE A 78 22.25 -17.17 5.63
C PHE A 78 23.40 -16.46 6.33
N GLY A 79 23.39 -16.47 7.65
CA GLY A 79 24.48 -15.88 8.43
C GLY A 79 24.32 -15.99 9.93
N ASP A 80 25.33 -15.52 10.66
CA ASP A 80 25.33 -15.48 12.12
C ASP A 80 25.03 -16.85 12.73
N ASN A 81 25.77 -17.86 12.27
CA ASN A 81 25.57 -19.25 12.67
C ASN A 81 24.12 -19.73 12.51
N GLY A 82 23.46 -19.26 11.45
CA GLY A 82 22.10 -19.68 11.12
C GLY A 82 20.95 -18.94 11.78
N THR A 83 21.25 -17.89 12.57
CA THR A 83 20.19 -17.15 13.26
C THR A 83 19.52 -16.08 12.38
N THR A 84 20.26 -15.56 11.40
CA THR A 84 19.74 -14.54 10.49
C THR A 84 19.69 -15.02 9.05
N ILE A 85 18.93 -14.30 8.23
CA ILE A 85 18.80 -14.61 6.80
C ILE A 85 18.45 -13.33 6.04
N SER A 86 19.07 -13.14 4.87
CA SER A 86 18.83 -11.95 4.07
C SER A 86 18.41 -12.33 2.66
N ALA A 87 17.47 -11.57 2.11
CA ALA A 87 16.91 -11.85 0.79
C ALA A 87 16.08 -10.67 0.28
N VAL A 88 15.64 -10.79 -0.98
CA VAL A 88 14.72 -9.82 -1.58
C VAL A 88 13.47 -10.53 -2.07
N SER A 89 12.32 -9.89 -1.92
CA SER A 89 11.02 -10.49 -2.27
C SER A 89 10.47 -9.91 -3.57
N ASN A 90 10.67 -10.65 -4.66
CA ASN A 90 10.15 -10.25 -5.98
C ASN A 90 8.65 -10.54 -6.10
N LYS A 91 7.95 -9.65 -6.80
CA LYS A 91 6.49 -9.73 -6.92
C LYS A 91 6.05 -9.31 -8.32
N ALA A 92 5.34 -10.21 -9.01
CA ALA A 92 4.81 -9.92 -10.34
C ALA A 92 3.29 -10.03 -10.35
N TYR A 93 2.67 -9.45 -11.38
CA TYR A 93 1.21 -9.38 -11.49
C TYR A 93 0.73 -9.86 -12.85
N VAL A 94 0.10 -11.03 -12.89
CA VAL A 94 -0.45 -11.61 -14.11
C VAL A 94 -1.95 -11.33 -14.16
N PHE A 95 -2.41 -10.72 -15.24
CA PHE A 95 -3.81 -10.27 -15.33
C PHE A 95 -4.77 -11.41 -15.59
N GLU A 96 -5.93 -11.36 -14.95
CA GLU A 96 -7.00 -12.35 -15.11
C GLU A 96 -8.25 -11.68 -15.67
N ARG A 97 -8.43 -11.76 -16.98
CA ARG A 97 -9.57 -11.14 -17.67
C ARG A 97 -10.91 -11.68 -17.17
N ASP A 98 -10.99 -12.99 -16.98
CA ASP A 98 -12.25 -13.63 -16.56
C ASP A 98 -12.62 -13.37 -15.09
N GLN A 99 -11.64 -12.98 -14.27
CA GLN A 99 -11.88 -12.58 -12.89
C GLN A 99 -11.95 -11.07 -12.73
N SER A 100 -12.04 -10.35 -13.85
CA SER A 100 -12.03 -8.89 -13.85
C SER A 100 -13.28 -8.33 -14.50
N VAL A 101 -13.67 -7.13 -14.09
CA VAL A 101 -14.87 -6.47 -14.61
C VAL A 101 -14.72 -6.02 -16.06
N GLY A 102 -13.48 -5.95 -16.55
CA GLY A 102 -13.23 -5.60 -17.95
C GLY A 102 -11.76 -5.66 -18.33
N ASP A 103 -11.46 -5.33 -19.59
CA ASP A 103 -10.09 -5.26 -20.08
C ASP A 103 -9.52 -3.88 -19.73
N PRO A 104 -8.45 -3.85 -18.92
CA PRO A 104 -7.90 -2.56 -18.48
C PRO A 104 -7.25 -1.75 -19.60
N LYS A 105 -6.83 -2.42 -20.67
CA LYS A 105 -6.19 -1.74 -21.79
C LYS A 105 -7.18 -1.01 -22.70
N ILE A 106 -8.48 -1.19 -22.45
CA ILE A 106 -9.53 -0.40 -23.10
C ILE A 106 -10.24 0.50 -22.11
N ASP A 107 -10.67 -0.07 -20.98
CA ASP A 107 -11.44 0.66 -19.98
C ASP A 107 -10.73 1.94 -19.55
N LEU A 108 -11.39 3.07 -19.75
CA LEU A 108 -10.83 4.36 -19.42
C LEU A 108 -11.29 4.81 -18.04
N ILE A 109 -10.41 5.48 -17.32
CA ILE A 109 -10.73 6.10 -16.03
C ILE A 109 -10.34 7.58 -16.07
N ARG A 110 -11.31 8.45 -15.80
CA ARG A 110 -11.06 9.87 -15.68
C ARG A 110 -10.82 10.21 -14.23
N THR A 111 -9.65 10.78 -13.95
CA THR A 111 -9.25 11.13 -12.59
C THR A 111 -8.24 12.28 -12.59
N LEU A 112 -7.69 12.59 -11.42
CA LEU A 112 -6.72 13.68 -11.29
C LEU A 112 -5.43 13.44 -12.06
N ASN A 113 -4.88 14.53 -12.59
CA ASN A 113 -3.59 14.51 -13.27
C ASN A 113 -2.49 14.53 -12.20
N ILE A 114 -1.99 13.35 -11.86
CA ILE A 114 -1.04 13.19 -10.75
C ILE A 114 0.36 13.75 -11.04
N PRO A 115 0.87 13.53 -12.28
CA PRO A 115 2.12 14.18 -12.65
C PRO A 115 2.15 15.70 -12.52
N VAL A 116 1.08 16.41 -12.92
CA VAL A 116 1.11 17.88 -12.82
C VAL A 116 0.99 18.31 -11.36
N LEU A 117 0.19 17.59 -10.58
CA LEU A 117 0.05 17.87 -9.16
C LEU A 117 1.36 17.59 -8.43
N THR A 118 2.03 16.50 -8.81
CA THR A 118 3.35 16.17 -8.29
C THR A 118 4.36 17.29 -8.54
N VAL A 119 4.50 17.71 -9.80
CA VAL A 119 5.44 18.78 -10.14
C VAL A 119 5.00 20.14 -9.64
N ILE A 120 3.69 20.37 -9.51
CA ILE A 120 3.20 21.61 -8.88
C ILE A 120 3.64 21.62 -7.41
N GLU A 121 3.48 20.48 -6.74
CA GLU A 121 3.88 20.37 -5.33
C GLU A 121 5.40 20.47 -5.17
N TRP A 122 6.14 19.96 -6.16
CA TRP A 122 7.60 20.12 -6.17
C TRP A 122 8.01 21.58 -6.25
N SER A 123 7.37 22.32 -7.15
CA SER A 123 7.69 23.73 -7.37
C SER A 123 7.38 24.58 -6.13
N GLN A 124 6.26 24.28 -5.46
CA GLN A 124 5.90 24.97 -4.22
C GLN A 124 6.94 24.70 -3.13
N VAL A 125 7.59 23.54 -3.20
CA VAL A 125 8.67 23.16 -2.28
C VAL A 125 10.05 23.54 -2.86
N HIS A 126 10.08 24.40 -3.87
CA HIS A 126 11.31 24.83 -4.53
C HIS A 126 12.20 23.67 -5.00
N PHE A 127 11.62 22.77 -5.78
CA PHE A 127 12.38 21.77 -6.53
C PHE A 127 12.07 21.94 -8.00
N LEU A 128 13.03 22.47 -8.74
CA LEU A 128 12.88 22.78 -10.17
C LEU A 128 11.73 23.76 -10.40
N ARG A 129 11.65 24.77 -9.54
CA ARG A 129 10.55 25.74 -9.54
C ARG A 129 10.45 26.52 -10.86
N GLU A 130 11.55 27.12 -11.30
CA GLU A 130 11.54 27.92 -12.53
C GLU A 130 11.20 27.08 -13.76
N ILE A 131 11.83 25.91 -13.87
CA ILE A 131 11.64 25.02 -15.03
C ILE A 131 10.20 24.54 -15.12
N ILE A 132 9.66 24.11 -13.98
CA ILE A 132 8.29 23.63 -13.91
C ILE A 132 7.29 24.74 -14.24
N GLU A 133 7.48 25.91 -13.63
CA GLU A 133 6.59 27.05 -13.88
C GLU A 133 6.62 27.47 -15.34
N ALA A 134 7.81 27.45 -15.94
CA ALA A 134 7.98 27.81 -17.35
C ALA A 134 7.25 26.83 -18.28
N MET A 135 7.46 25.53 -18.06
CA MET A 135 6.83 24.50 -18.89
C MET A 135 5.30 24.52 -18.73
N LEU A 136 4.83 24.57 -17.48
CA LEU A 136 3.39 24.67 -17.21
C LEU A 136 2.75 25.87 -17.90
N LYS A 137 3.43 27.01 -17.87
CA LYS A 137 2.92 28.23 -18.49
C LYS A 137 2.83 28.10 -20.01
N ALA A 138 3.82 27.45 -20.62
CA ALA A 138 3.89 27.30 -22.06
C ALA A 138 2.95 26.22 -22.59
N TYR A 139 2.92 25.08 -21.92
CA TYR A 139 2.06 23.95 -22.29
C TYR A 139 0.97 23.77 -21.23
N GLN A 140 -0.25 24.18 -21.57
CA GLN A 140 -1.36 24.15 -20.64
C GLN A 140 -1.80 22.71 -20.36
N GLN A 141 -1.85 22.33 -19.09
CA GLN A 141 -2.26 20.98 -18.70
C GLN A 141 -3.65 21.00 -18.07
N LYS A 142 -4.33 19.86 -18.10
CA LYS A 142 -5.64 19.71 -17.48
C LYS A 142 -5.50 19.02 -16.13
N LEU A 143 -6.30 19.45 -15.15
CA LEU A 143 -6.27 18.85 -13.82
C LEU A 143 -6.87 17.45 -13.83
N PHE A 144 -7.90 17.25 -14.66
CA PHE A 144 -8.51 15.95 -14.84
C PHE A 144 -8.18 15.39 -16.22
N VAL A 145 -7.66 14.17 -16.23
CA VAL A 145 -7.26 13.49 -17.47
C VAL A 145 -7.85 12.08 -17.51
N THR A 146 -8.00 11.56 -18.73
CA THR A 146 -8.56 10.24 -18.94
C THR A 146 -7.53 9.31 -19.58
N HIS A 147 -7.21 8.23 -18.89
CA HIS A 147 -6.31 7.21 -19.41
C HIS A 147 -6.90 5.83 -19.19
N THR A 148 -6.32 4.81 -19.82
CA THR A 148 -6.73 3.43 -19.59
C THR A 148 -6.27 3.00 -18.22
N VAL A 149 -6.92 1.96 -17.69
CA VAL A 149 -6.53 1.41 -16.40
C VAL A 149 -5.10 0.88 -16.45
N ASP A 150 -4.72 0.27 -17.56
CA ASP A 150 -3.34 -0.23 -17.74
C ASP A 150 -2.33 0.93 -17.71
N GLU A 151 -2.69 2.07 -18.29
CA GLU A 151 -1.83 3.25 -18.28
C GLU A 151 -1.62 3.79 -16.85
N LEU A 152 -2.73 4.11 -16.17
CA LEU A 152 -2.68 4.60 -14.79
C LEU A 152 -1.87 3.68 -13.87
N LEU A 153 -2.03 2.39 -14.06
CA LEU A 153 -1.46 1.40 -13.16
C LEU A 153 0.01 1.14 -13.46
N TRP A 154 0.32 0.82 -14.72
CA TRP A 154 1.66 0.36 -15.09
C TRP A 154 2.47 1.38 -15.88
N GLY A 155 1.92 2.57 -16.09
CA GLY A 155 2.69 3.70 -16.59
C GLY A 155 2.20 4.29 -17.90
N TYR A 156 2.40 5.60 -18.04
CA TYR A 156 2.19 6.28 -19.31
C TYR A 156 3.14 7.47 -19.40
N LYS A 157 3.45 7.89 -20.62
CA LYS A 157 4.35 9.01 -20.85
C LYS A 157 3.60 10.33 -20.70
N ASP A 158 4.05 11.18 -19.79
CA ASP A 158 3.42 12.48 -19.52
C ASP A 158 4.17 13.61 -20.22
N GLU A 159 3.43 14.63 -20.65
CA GLU A 159 4.02 15.78 -21.33
C GLU A 159 5.05 16.51 -20.48
N ILE A 160 4.63 16.94 -19.30
CA ILE A 160 5.45 17.82 -18.48
C ILE A 160 6.68 17.10 -17.96
N LEU A 161 6.52 15.81 -17.66
CA LEU A 161 7.65 14.99 -17.23
C LEU A 161 8.65 14.84 -18.37
N SER A 162 8.16 14.66 -19.59
CA SER A 162 9.02 14.54 -20.77
C SER A 162 9.82 15.82 -21.02
N LEU A 163 9.19 16.97 -20.78
CA LEU A 163 9.85 18.27 -20.94
C LEU A 163 10.89 18.52 -19.87
N ILE A 164 10.57 18.12 -18.63
CA ILE A 164 11.53 18.23 -17.53
C ILE A 164 12.67 17.24 -17.73
N HIS A 165 12.35 16.07 -18.28
CA HIS A 165 13.33 15.02 -18.51
C HIS A 165 14.49 15.45 -19.42
N VAL A 166 14.24 16.34 -20.38
CA VAL A 166 15.31 16.82 -21.28
C VAL A 166 16.31 17.71 -20.53
N PHE A 167 15.84 18.42 -19.51
CA PHE A 167 16.69 19.26 -18.66
C PHE A 167 17.30 18.47 -17.50
N ARG A 168 16.54 17.50 -16.98
CA ARG A 168 16.97 16.69 -15.86
C ARG A 168 16.71 15.22 -16.16
N PRO A 169 17.69 14.55 -16.80
CA PRO A 169 17.57 13.14 -17.18
C PRO A 169 17.22 12.18 -16.04
N ASP A 170 17.61 12.53 -14.82
CA ASP A 170 17.24 11.76 -13.63
C ASP A 170 15.72 11.65 -13.42
N ILE A 171 14.99 12.68 -13.82
CA ILE A 171 13.52 12.69 -13.70
C ILE A 171 12.91 11.83 -14.80
N SER A 172 12.07 10.87 -14.40
CA SER A 172 11.46 9.94 -15.33
C SER A 172 10.34 10.63 -16.11
N PRO A 173 10.27 10.40 -17.43
CA PRO A 173 9.17 10.94 -18.23
C PRO A 173 7.87 10.15 -18.09
N TYR A 174 7.96 8.92 -17.59
CA TYR A 174 6.79 8.05 -17.41
C TYR A 174 6.30 8.08 -15.96
N PHE A 175 4.98 8.05 -15.79
CA PHE A 175 4.37 7.95 -14.47
C PHE A 175 3.32 6.83 -14.44
N GLY A 176 3.30 6.09 -13.32
CA GLY A 176 2.30 5.07 -13.07
C GLY A 176 2.23 4.72 -11.60
N LEU A 177 1.02 4.49 -11.09
CA LEU A 177 0.82 4.16 -9.68
C LEU A 177 1.70 2.99 -9.25
N PHE A 178 1.86 2.01 -10.14
CA PHE A 178 2.73 0.87 -9.92
C PHE A 178 3.73 0.76 -11.06
N TYR A 179 4.35 1.88 -11.40
CA TYR A 179 5.30 1.93 -12.51
C TYR A 179 6.59 1.18 -12.15
N GLU A 180 6.98 0.25 -13.02
CA GLU A 180 8.18 -0.56 -12.83
C GLU A 180 8.20 -1.35 -11.52
N LYS A 181 7.02 -1.69 -11.01
CA LYS A 181 6.90 -2.48 -9.79
C LYS A 181 6.53 -3.93 -10.10
N ASN A 182 6.39 -4.24 -11.38
CA ASN A 182 6.16 -5.61 -11.82
C ASN A 182 7.49 -6.32 -12.00
N GLY A 183 7.63 -7.51 -11.41
CA GLY A 183 8.84 -8.31 -11.55
C GLY A 183 10.00 -7.75 -10.75
N THR A 184 9.70 -7.06 -9.65
CA THR A 184 10.73 -6.40 -8.83
C THR A 184 10.40 -6.49 -7.34
N ASN A 185 11.39 -6.16 -6.52
CA ASN A 185 11.23 -6.19 -5.05
C ASN A 185 11.14 -4.78 -4.45
N ASP A 186 11.09 -4.71 -3.12
CA ASP A 186 10.91 -3.44 -2.40
C ASP A 186 12.00 -3.28 -1.34
N GLY A 187 13.24 -3.32 -1.78
CA GLY A 187 14.39 -3.20 -0.89
C GLY A 187 14.95 -4.53 -0.43
N ASP A 188 16.18 -4.48 0.09
CA ASP A 188 16.86 -5.67 0.60
C ASP A 188 16.60 -5.82 2.09
N TYR A 189 15.76 -6.80 2.43
CA TYR A 189 15.50 -7.14 3.81
C TYR A 189 16.56 -8.09 4.35
N VAL A 190 16.73 -8.06 5.67
CA VAL A 190 17.40 -9.15 6.38
C VAL A 190 16.46 -9.53 7.53
N PHE A 191 16.01 -10.79 7.51
CA PHE A 191 15.07 -11.28 8.49
C PHE A 191 15.80 -12.04 9.59
N LEU A 192 15.05 -12.39 10.62
CA LEU A 192 15.56 -13.21 11.69
C LEU A 192 14.75 -14.49 11.72
N THR A 193 15.42 -15.63 11.55
CA THR A 193 14.75 -16.92 11.63
C THR A 193 14.53 -17.31 13.08
N GLY A 194 13.69 -18.32 13.30
CA GLY A 194 13.30 -18.72 14.66
C GLY A 194 14.26 -19.66 15.37
N GLU A 195 15.54 -19.63 15.00
CA GLU A 195 16.56 -20.47 15.63
C GLU A 195 16.86 -20.03 17.06
N ASP A 196 17.06 -18.71 17.24
CA ASP A 196 17.31 -18.17 18.57
C ASP A 196 16.05 -18.21 19.45
N SER A 197 14.90 -17.99 18.83
CA SER A 197 13.61 -18.05 19.52
C SER A 197 12.47 -18.01 18.51
N TYR A 198 11.42 -18.78 18.77
CA TYR A 198 10.27 -18.87 17.87
C TYR A 198 9.49 -17.55 17.79
N LEU A 199 9.46 -16.79 18.88
CA LEU A 199 8.73 -15.52 18.93
C LEU A 199 9.23 -14.51 17.88
N ASN A 200 10.54 -14.48 17.67
CA ASN A 200 11.13 -13.60 16.65
C ASN A 200 11.37 -14.37 15.34
N PHE A 201 10.33 -15.03 14.86
CA PHE A 201 10.35 -15.75 13.59
C PHE A 201 9.97 -14.79 12.47
N THR A 202 10.67 -14.90 11.34
CA THR A 202 10.54 -13.97 10.20
C THR A 202 10.45 -12.49 10.60
N LYS A 203 11.19 -12.12 11.65
CA LYS A 203 11.19 -10.75 12.14
C LYS A 203 12.18 -9.92 11.35
N ILE A 204 11.75 -8.74 10.92
CA ILE A 204 12.60 -7.83 10.16
C ILE A 204 13.55 -7.10 11.12
N VAL A 205 14.85 -7.18 10.81
CA VAL A 205 15.87 -6.51 11.64
C VAL A 205 16.46 -5.27 10.95
N GLU A 206 16.59 -5.30 9.63
CA GLU A 206 17.05 -4.14 8.83
C GLU A 206 16.35 -4.13 7.47
N TRP A 207 16.27 -2.94 6.87
CA TRP A 207 15.67 -2.75 5.55
C TRP A 207 16.44 -1.70 4.78
N ASN A 208 17.00 -2.08 3.63
CA ASN A 208 17.94 -1.25 2.87
C ASN A 208 19.17 -0.85 3.69
N GLY A 209 19.65 -1.78 4.52
CA GLY A 209 20.85 -1.55 5.34
C GLY A 209 20.60 -0.96 6.72
N LYS A 210 19.58 -0.11 6.84
CA LYS A 210 19.32 0.63 8.09
C LYS A 210 18.37 -0.12 9.02
N THR A 211 18.59 0.01 10.32
CA THR A 211 17.78 -0.67 11.33
C THR A 211 16.42 0.00 11.58
N SER A 212 16.27 1.24 11.15
CA SER A 212 15.01 1.97 11.32
C SER A 212 14.80 2.96 10.18
N LEU A 213 13.64 3.62 10.18
CA LEU A 213 13.32 4.63 9.18
C LEU A 213 13.90 5.98 9.58
N ASP A 214 13.81 6.96 8.68
CA ASP A 214 14.29 8.31 8.96
C ASP A 214 13.51 9.43 8.27
N TRP A 215 12.22 9.20 7.98
CA TRP A 215 11.39 10.28 7.42
C TRP A 215 10.23 10.73 8.33
N TRP A 216 10.00 10.02 9.43
CA TRP A 216 9.02 10.48 10.43
C TRP A 216 9.71 11.26 11.54
N ILE A 217 8.92 11.89 12.41
CA ILE A 217 9.45 12.80 13.43
C ILE A 217 10.09 12.07 14.61
N THR A 218 9.29 11.28 15.32
CA THR A 218 9.75 10.59 16.51
C THR A 218 10.52 9.32 16.16
N ASP A 219 11.45 8.93 17.03
CA ASP A 219 12.13 7.65 16.90
C ASP A 219 11.10 6.52 17.01
N LYS A 220 10.11 6.74 17.86
CA LYS A 220 8.99 5.81 18.04
C LYS A 220 8.32 5.47 16.71
N CYS A 221 8.04 6.49 15.90
CA CYS A 221 7.34 6.29 14.63
C CYS A 221 8.24 5.69 13.54
N ASN A 222 9.55 5.90 13.68
CA ASN A 222 10.53 5.41 12.69
C ASN A 222 11.02 3.97 12.92
N MET A 223 10.58 3.33 14.00
CA MET A 223 10.95 1.94 14.27
C MET A 223 10.34 0.99 13.24
N ILE A 224 11.08 -0.08 12.93
CA ILE A 224 10.58 -1.15 12.06
C ILE A 224 10.18 -2.33 12.95
N ASN A 225 8.88 -2.46 13.18
CA ASN A 225 8.34 -3.44 14.11
C ASN A 225 7.74 -4.66 13.41
N GLY A 226 8.04 -5.85 13.93
CA GLY A 226 7.37 -7.07 13.52
C GLY A 226 7.85 -7.65 12.20
N THR A 227 6.93 -8.27 11.48
CA THR A 227 7.24 -9.00 10.25
C THR A 227 6.67 -8.27 9.05
N ASP A 228 6.98 -8.76 7.86
CA ASP A 228 6.46 -8.18 6.61
C ASP A 228 4.95 -8.37 6.47
N GLY A 229 4.39 -9.37 7.14
CA GLY A 229 2.94 -9.61 7.12
C GLY A 229 2.52 -10.79 6.27
N ASP A 230 3.51 -11.47 5.65
CA ASP A 230 3.25 -12.68 4.87
C ASP A 230 3.18 -13.91 5.76
N SER A 231 3.72 -13.82 6.96
CA SER A 231 3.63 -14.89 7.95
C SER A 231 3.92 -14.32 9.34
N PHE A 232 3.57 -15.09 10.37
CA PHE A 232 3.77 -14.66 11.76
C PHE A 232 4.45 -15.77 12.56
N HIS A 233 4.85 -15.44 13.79
CA HIS A 233 5.49 -16.42 14.67
C HIS A 233 4.48 -17.48 15.12
N PRO A 234 4.95 -18.72 15.32
CA PRO A 234 4.05 -19.81 15.71
C PRO A 234 3.54 -19.67 17.14
N LEU A 235 2.42 -20.32 17.44
CA LEU A 235 1.84 -20.36 18.78
C LEU A 235 1.33 -18.98 19.22
N ILE A 236 0.54 -18.34 18.37
CA ILE A 236 -0.05 -17.03 18.70
C ILE A 236 -1.15 -17.21 19.74
N THR A 237 -1.25 -16.24 20.64
CA THR A 237 -2.26 -16.24 21.69
C THR A 237 -3.22 -15.05 21.51
N LYS A 238 -4.50 -15.29 21.76
CA LYS A 238 -5.55 -14.28 21.59
C LYS A 238 -5.18 -12.88 22.09
N ASP A 239 -4.59 -12.81 23.29
CA ASP A 239 -4.41 -11.54 24.00
C ASP A 239 -3.38 -10.59 23.37
N GLU A 240 -2.34 -11.14 22.74
CA GLU A 240 -1.23 -10.32 22.24
C GLU A 240 -1.58 -9.50 20.98
N VAL A 241 -0.68 -8.59 20.63
CA VAL A 241 -0.83 -7.71 19.48
C VAL A 241 0.32 -7.97 18.50
N LEU A 242 -0.01 -8.07 17.21
CA LEU A 242 0.98 -8.41 16.18
C LEU A 242 1.34 -7.19 15.34
N TYR A 243 2.63 -6.85 15.32
CA TYR A 243 3.13 -5.72 14.54
C TYR A 243 3.49 -6.15 13.12
N VAL A 244 3.18 -5.29 12.15
CA VAL A 244 3.51 -5.54 10.74
C VAL A 244 4.18 -4.29 10.17
N PHE A 245 5.17 -4.50 9.29
CA PHE A 245 5.77 -3.42 8.51
C PHE A 245 5.52 -3.64 7.02
N PRO A 246 4.45 -3.03 6.49
CA PRO A 246 4.25 -3.01 5.05
C PRO A 246 4.99 -1.84 4.40
N SER A 247 6.06 -2.15 3.68
CA SER A 247 6.91 -1.15 3.05
C SER A 247 6.14 -0.08 2.29
N ASP A 248 5.13 -0.53 1.52
CA ASP A 248 4.32 0.37 0.69
C ASP A 248 3.60 1.43 1.52
N PHE A 249 3.22 1.07 2.75
CA PHE A 249 2.50 1.97 3.65
C PHE A 249 3.42 2.96 4.38
N CYS A 250 4.73 2.71 4.34
CA CYS A 250 5.76 3.62 4.87
C CYS A 250 5.79 3.77 6.40
N ARG A 251 5.26 2.79 7.12
CA ARG A 251 5.32 2.78 8.58
C ARG A 251 4.94 1.41 9.11
N SER A 252 5.38 1.12 10.33
CA SER A 252 4.92 -0.08 11.01
C SER A 252 3.49 0.14 11.50
N VAL A 253 2.72 -0.95 11.52
CA VAL A 253 1.37 -0.94 12.09
C VAL A 253 1.23 -2.15 12.99
N TYR A 254 0.05 -2.32 13.57
CA TYR A 254 -0.25 -3.51 14.36
C TYR A 254 -1.69 -3.94 14.18
N ILE A 255 -1.95 -5.22 14.37
CA ILE A 255 -3.29 -5.78 14.23
C ILE A 255 -3.70 -6.46 15.54
N THR A 256 -4.95 -6.25 15.92
CA THR A 256 -5.49 -6.81 17.17
C THR A 256 -6.54 -7.88 16.87
N PHE A 257 -6.71 -8.79 17.82
CA PHE A 257 -7.68 -9.88 17.71
C PHE A 257 -9.10 -9.32 17.59
N SER A 258 -9.87 -9.88 16.66
CA SER A 258 -11.26 -9.49 16.47
C SER A 258 -12.19 -10.60 16.97
N ASP A 259 -12.10 -11.78 16.37
CA ASP A 259 -13.00 -12.88 16.67
C ASP A 259 -12.47 -14.23 16.17
N TYR A 260 -13.21 -15.30 16.45
CA TYR A 260 -12.80 -16.65 16.07
C TYR A 260 -13.37 -17.05 14.72
N GLU A 261 -12.53 -17.71 13.91
CA GLU A 261 -12.90 -18.14 12.57
C GLU A 261 -12.35 -19.53 12.30
N SER A 262 -12.98 -20.25 11.38
CA SER A 262 -12.45 -21.53 10.90
C SER A 262 -12.36 -21.49 9.38
N VAL A 263 -11.16 -21.74 8.87
CA VAL A 263 -10.92 -21.78 7.43
C VAL A 263 -10.63 -23.23 7.08
N GLN A 264 -11.41 -23.78 6.15
CA GLN A 264 -11.40 -25.22 5.86
C GLN A 264 -11.68 -25.95 7.19
N GLY A 265 -10.87 -26.94 7.55
CA GLY A 265 -11.01 -27.62 8.84
C GLY A 265 -9.96 -27.19 9.85
N LEU A 266 -9.55 -25.92 9.77
CA LEU A 266 -8.46 -25.39 10.60
C LEU A 266 -8.93 -24.22 11.45
N PRO A 267 -8.43 -24.13 12.70
CA PRO A 267 -8.77 -23.01 13.57
C PRO A 267 -7.98 -21.77 13.18
N ALA A 268 -8.57 -20.60 13.38
CA ALA A 268 -7.93 -19.34 13.03
C ALA A 268 -8.40 -18.19 13.91
N PHE A 269 -7.47 -17.32 14.28
CA PHE A 269 -7.82 -16.06 14.92
C PHE A 269 -7.92 -14.97 13.86
N ARG A 270 -9.03 -14.24 13.89
CA ARG A 270 -9.26 -13.13 12.96
C ARG A 270 -8.65 -11.87 13.57
N TYR A 271 -7.57 -11.40 12.96
CA TYR A 271 -6.87 -10.19 13.40
C TYR A 271 -7.13 -9.07 12.41
N LYS A 272 -7.53 -7.90 12.92
CA LYS A 272 -7.84 -6.75 12.07
C LYS A 272 -6.98 -5.54 12.42
N VAL A 273 -6.91 -4.61 11.47
CA VAL A 273 -6.25 -3.32 11.68
C VAL A 273 -7.26 -2.39 12.37
N PRO A 274 -6.97 -2.00 13.62
CA PRO A 274 -7.93 -1.20 14.39
C PRO A 274 -7.91 0.28 14.00
N ALA A 275 -8.92 1.03 14.46
CA ALA A 275 -9.05 2.45 14.16
C ALA A 275 -7.87 3.29 14.67
N GLU A 276 -7.23 2.82 15.74
CA GLU A 276 -6.13 3.54 16.39
C GLU A 276 -4.92 3.83 15.46
N ILE A 277 -4.77 3.06 14.38
CA ILE A 277 -3.57 3.16 13.54
C ILE A 277 -3.48 4.50 12.80
N LEU A 278 -4.61 4.98 12.27
CA LEU A 278 -4.66 6.28 11.59
C LEU A 278 -5.53 7.28 12.34
N ALA A 279 -5.54 7.21 13.66
CA ALA A 279 -6.33 8.11 14.47
C ALA A 279 -5.56 9.40 14.75
N ASN A 280 -6.29 10.49 14.93
CA ASN A 280 -5.69 11.77 15.30
C ASN A 280 -5.33 11.78 16.78
N THR A 281 -4.14 11.25 17.09
CA THR A 281 -3.69 11.09 18.47
C THR A 281 -2.22 11.46 18.64
N SER A 282 -1.79 11.56 19.89
CA SER A 282 -0.41 11.91 20.23
C SER A 282 0.58 10.81 19.87
N ASP A 283 0.17 9.55 19.98
CA ASP A 283 0.98 8.41 19.54
C ASP A 283 1.29 8.49 18.05
N ASN A 284 0.32 8.98 17.26
CA ASN A 284 0.46 9.11 15.81
C ASN A 284 0.81 10.52 15.34
N ALA A 285 1.01 11.45 16.27
CA ALA A 285 1.41 12.83 15.92
C ALA A 285 2.76 12.86 15.20
N GLY A 286 3.66 11.96 15.56
CA GLY A 286 4.98 11.85 14.92
C GLY A 286 4.94 11.59 13.43
N PHE A 287 3.89 10.93 12.95
CA PHE A 287 3.70 10.68 11.52
C PHE A 287 3.27 11.94 10.75
N CYS A 288 2.70 12.91 11.46
CA CYS A 288 2.21 14.15 10.85
C CYS A 288 3.32 15.19 10.69
N ILE A 289 3.90 15.25 9.50
CA ILE A 289 5.01 16.15 9.19
C ILE A 289 4.42 17.45 8.64
N PRO A 290 5.05 18.60 8.93
CA PRO A 290 6.25 18.82 9.75
C PRO A 290 6.00 19.04 11.24
N GLU A 291 5.22 20.07 11.60
CA GLU A 291 5.13 20.52 12.99
C GLU A 291 4.08 19.77 13.83
N GLY A 292 3.95 18.47 13.60
CA GLY A 292 2.97 17.65 14.33
C GLY A 292 1.52 18.03 14.04
N ASN A 293 1.26 18.52 12.83
CA ASN A 293 -0.07 18.99 12.44
C ASN A 293 -0.70 17.99 11.48
N CYS A 294 -1.81 17.39 11.89
CA CYS A 294 -2.42 16.27 11.18
C CYS A 294 -3.61 16.67 10.32
N LEU A 295 -3.86 15.88 9.28
CA LEU A 295 -4.99 16.11 8.37
C LEU A 295 -6.32 15.69 8.98
N GLY A 296 -6.31 14.61 9.76
CA GLY A 296 -7.52 14.13 10.42
C GLY A 296 -7.45 12.63 10.66
N SER A 297 -8.43 12.12 11.42
CA SER A 297 -8.50 10.70 11.71
C SER A 297 -8.79 9.91 10.44
N GLY A 298 -7.89 8.98 10.11
CA GLY A 298 -8.11 8.01 9.04
C GLY A 298 -7.34 8.25 7.74
N VAL A 299 -6.26 9.03 7.79
CA VAL A 299 -5.41 9.24 6.61
C VAL A 299 -3.94 9.30 6.99
N LEU A 300 -3.09 9.11 5.99
CA LEU A 300 -1.64 9.15 6.18
C LEU A 300 -0.97 9.83 5.00
N ASN A 301 -0.46 11.02 5.25
CA ASN A 301 0.36 11.73 4.28
C ASN A 301 1.69 11.01 4.11
N VAL A 302 1.87 10.36 2.96
CA VAL A 302 3.07 9.58 2.67
C VAL A 302 3.91 10.24 1.57
N SER A 303 3.82 11.56 1.46
CA SER A 303 4.51 12.32 0.43
C SER A 303 6.04 12.19 0.51
N ILE A 304 6.57 12.00 1.72
CA ILE A 304 8.03 11.93 1.89
C ILE A 304 8.61 10.69 1.25
N CYS A 305 7.89 9.57 1.37
CA CYS A 305 8.37 8.29 0.85
C CYS A 305 7.82 7.99 -0.55
N LYS A 306 7.00 8.88 -1.09
CA LYS A 306 6.52 8.77 -2.47
C LYS A 306 7.13 9.86 -3.36
N ASN A 307 8.38 10.20 -3.08
CA ASN A 307 9.18 11.14 -3.88
C ASN A 307 8.55 12.53 -4.07
N GLY A 308 7.97 13.06 -3.00
CA GLY A 308 7.43 14.43 -3.02
C GLY A 308 6.04 14.61 -3.60
N ALA A 309 5.40 13.53 -4.04
CA ALA A 309 4.06 13.60 -4.60
C ALA A 309 3.04 13.76 -3.46
N PRO A 310 1.93 14.48 -3.69
CA PRO A 310 0.96 14.75 -2.62
C PRO A 310 0.02 13.56 -2.37
N ILE A 311 0.59 12.40 -2.12
CA ILE A 311 -0.17 11.15 -2.01
C ILE A 311 -0.56 10.90 -0.56
N ILE A 312 -1.85 10.60 -0.35
CA ILE A 312 -2.41 10.40 0.98
C ILE A 312 -2.99 8.99 1.04
N MET A 313 -2.44 8.14 1.89
CA MET A 313 -2.97 6.80 2.10
C MET A 313 -4.20 6.86 3.00
N SER A 314 -5.12 5.91 2.81
CA SER A 314 -6.25 5.74 3.71
C SER A 314 -6.79 4.32 3.55
N PHE A 315 -7.92 4.04 4.19
CA PHE A 315 -8.63 2.79 3.96
C PHE A 315 -9.76 3.04 2.96
N PRO A 316 -10.16 1.99 2.21
CA PRO A 316 -11.16 2.17 1.17
C PRO A 316 -12.39 2.95 1.66
N HIS A 317 -12.84 3.91 0.87
CA HIS A 317 -13.99 4.76 1.19
C HIS A 317 -13.85 5.49 2.53
N PHE A 318 -12.61 5.76 2.94
CA PHE A 318 -12.31 6.39 4.22
C PHE A 318 -12.98 5.65 5.37
N TYR A 319 -12.84 4.33 5.37
CA TYR A 319 -13.29 3.49 6.47
C TYR A 319 -12.40 3.83 7.67
N GLN A 320 -12.98 3.82 8.86
CA GLN A 320 -12.28 4.25 10.08
C GLN A 320 -11.66 5.63 9.90
N ALA A 321 -12.50 6.63 9.63
CA ALA A 321 -12.02 7.97 9.35
C ALA A 321 -13.03 9.03 9.75
N ASP A 322 -12.57 10.28 9.80
CA ASP A 322 -13.42 11.41 10.11
C ASP A 322 -14.56 11.49 9.08
N GLU A 323 -15.77 11.77 9.54
CA GLU A 323 -16.96 11.78 8.68
C GLU A 323 -16.84 12.82 7.57
N ARG A 324 -16.12 13.90 7.82
CA ARG A 324 -15.93 14.96 6.82
C ARG A 324 -15.12 14.53 5.60
N PHE A 325 -14.26 13.51 5.74
CA PHE A 325 -13.56 12.91 4.60
C PHE A 325 -14.54 12.20 3.66
N VAL A 326 -15.61 11.63 4.24
CA VAL A 326 -16.63 10.94 3.47
C VAL A 326 -17.61 11.93 2.84
N SER A 327 -17.96 12.98 3.59
CA SER A 327 -18.89 14.01 3.10
C SER A 327 -18.32 14.86 1.97
N ALA A 328 -16.99 14.96 1.91
CA ALA A 328 -16.31 15.77 0.89
C ALA A 328 -16.43 15.18 -0.51
N ILE A 329 -16.53 13.86 -0.62
CA ILE A 329 -16.57 13.17 -1.92
C ILE A 329 -17.84 12.36 -2.04
N GLU A 330 -18.80 12.88 -2.82
CA GLU A 330 -20.06 12.18 -3.05
C GLU A 330 -19.78 10.93 -3.88
N GLY A 331 -20.06 9.76 -3.32
CA GLY A 331 -19.66 8.49 -3.91
C GLY A 331 -18.98 7.57 -2.91
N MET A 332 -18.61 8.09 -1.74
CA MET A 332 -17.99 7.30 -0.69
C MET A 332 -19.05 6.74 0.27
N HIS A 333 -19.32 5.44 0.18
CA HIS A 333 -20.21 4.74 1.13
C HIS A 333 -19.46 3.60 1.84
N PRO A 334 -18.74 3.92 2.93
CA PRO A 334 -17.95 2.89 3.62
C PRO A 334 -18.75 1.98 4.55
N ASN A 335 -18.57 0.67 4.38
CA ASN A 335 -19.00 -0.32 5.38
C ASN A 335 -17.83 -1.22 5.79
N GLN A 336 -18.00 -1.90 6.92
CA GLN A 336 -16.93 -2.70 7.53
C GLN A 336 -16.49 -3.88 6.68
N GLU A 337 -17.43 -4.74 6.33
CA GLU A 337 -17.12 -6.04 5.74
C GLU A 337 -16.41 -5.92 4.39
N ASP A 338 -16.70 -4.86 3.63
CA ASP A 338 -16.08 -4.65 2.32
C ASP A 338 -14.73 -3.93 2.38
N HIS A 339 -14.52 -3.10 3.40
CA HIS A 339 -13.36 -2.18 3.42
C HIS A 339 -12.38 -2.35 4.57
N GLU A 340 -12.71 -3.17 5.56
CA GLU A 340 -11.77 -3.49 6.63
C GLU A 340 -10.55 -4.23 6.09
N THR A 341 -9.53 -4.35 6.94
CA THR A 341 -8.31 -5.08 6.62
C THR A 341 -8.15 -6.16 7.67
N PHE A 342 -8.25 -7.43 7.27
CA PHE A 342 -8.19 -8.54 8.22
C PHE A 342 -7.24 -9.65 7.77
N VAL A 343 -6.88 -10.52 8.72
CA VAL A 343 -6.05 -11.68 8.44
C VAL A 343 -6.37 -12.83 9.42
N ASP A 344 -6.67 -14.01 8.88
CA ASP A 344 -6.96 -15.20 9.66
C ASP A 344 -5.72 -16.05 9.83
N ILE A 345 -5.18 -16.06 11.05
CA ILE A 345 -3.93 -16.74 11.33
C ILE A 345 -4.21 -18.02 12.11
N ASN A 346 -3.61 -19.12 11.65
CA ASN A 346 -3.62 -20.36 12.41
C ASN A 346 -2.77 -20.18 13.66
N PRO A 347 -3.40 -20.17 14.84
CA PRO A 347 -2.64 -19.88 16.06
C PRO A 347 -1.42 -20.78 16.25
N LEU A 348 -1.60 -22.07 15.99
CA LEU A 348 -0.56 -23.08 16.21
C LEU A 348 0.70 -22.80 15.37
N THR A 349 0.52 -22.63 14.07
CA THR A 349 1.63 -22.51 13.13
C THR A 349 1.97 -21.07 12.73
N GLY A 350 1.06 -20.14 12.98
CA GLY A 350 1.24 -18.75 12.58
C GLY A 350 1.14 -18.54 11.07
N ILE A 351 0.36 -19.40 10.42
CA ILE A 351 0.20 -19.36 8.98
C ILE A 351 -1.11 -18.65 8.63
N ILE A 352 -1.03 -17.75 7.64
CA ILE A 352 -2.21 -17.02 7.17
C ILE A 352 -3.06 -17.92 6.30
N LEU A 353 -4.26 -18.22 6.76
CA LEU A 353 -5.19 -19.09 6.04
C LEU A 353 -6.11 -18.30 5.12
N LYS A 354 -6.42 -17.07 5.51
CA LYS A 354 -7.21 -16.17 4.66
C LYS A 354 -6.96 -14.73 5.10
N ALA A 355 -6.96 -13.80 4.15
CA ALA A 355 -6.75 -12.39 4.48
C ALA A 355 -7.22 -11.46 3.37
N ALA A 356 -7.58 -10.24 3.76
CA ALA A 356 -7.91 -9.18 2.82
C ALA A 356 -7.18 -7.91 3.26
N LYS A 357 -6.01 -7.69 2.68
CA LYS A 357 -5.24 -6.47 2.89
C LYS A 357 -5.77 -5.40 1.95
N ARG A 358 -6.44 -4.39 2.50
CA ARG A 358 -7.11 -3.36 1.69
C ARG A 358 -6.71 -1.94 2.09
N PHE A 359 -6.21 -1.16 1.13
CA PHE A 359 -5.86 0.25 1.36
C PHE A 359 -6.13 1.12 0.12
N GLN A 360 -6.32 2.41 0.34
CA GLN A 360 -6.75 3.34 -0.71
C GLN A 360 -5.73 4.45 -0.96
N ILE A 361 -5.55 4.80 -2.23
CA ILE A 361 -4.64 5.89 -2.61
C ILE A 361 -5.44 7.15 -2.94
N ASN A 362 -5.14 8.23 -2.23
CA ASN A 362 -5.79 9.52 -2.46
C ASN A 362 -4.77 10.58 -2.85
N ILE A 363 -5.26 11.74 -3.30
CA ILE A 363 -4.42 12.87 -3.66
C ILE A 363 -4.93 14.10 -2.95
N TYR A 364 -4.04 14.84 -2.30
CA TYR A 364 -4.41 16.08 -1.64
C TYR A 364 -4.47 17.19 -2.66
N VAL A 365 -5.65 17.78 -2.85
CA VAL A 365 -5.83 18.89 -3.78
C VAL A 365 -6.35 20.13 -3.08
N LYS A 366 -5.91 21.29 -3.58
CA LYS A 366 -6.33 22.58 -3.04
C LYS A 366 -6.30 23.65 -4.12
N LYS A 367 -7.10 24.69 -3.92
CA LYS A 367 -7.09 25.85 -4.81
C LYS A 367 -5.74 26.56 -4.71
N LEU A 368 -5.25 26.98 -5.87
CA LEU A 368 -4.06 27.81 -5.94
C LEU A 368 -4.32 29.03 -6.82
N ASP A 369 -3.82 30.17 -6.37
CA ASP A 369 -3.96 31.44 -7.08
C ASP A 369 -2.93 31.54 -8.19
N ASP A 370 -1.73 31.03 -7.91
CA ASP A 370 -0.66 30.96 -8.90
C ASP A 370 -1.00 30.01 -10.05
N PHE A 371 -1.95 29.10 -9.81
CA PHE A 371 -2.35 28.12 -10.81
C PHE A 371 -3.85 28.17 -11.15
N VAL A 372 -4.12 28.34 -12.45
CA VAL A 372 -5.48 28.29 -12.99
C VAL A 372 -5.85 26.88 -13.40
N GLU A 373 -4.87 25.97 -13.36
CA GLU A 373 -5.11 24.54 -13.55
C GLU A 373 -6.01 24.03 -12.42
N THR A 374 -5.81 24.56 -11.23
CA THR A 374 -6.61 24.20 -10.05
C THR A 374 -8.00 24.80 -10.07
N GLY A 375 -8.21 25.81 -10.91
CA GLY A 375 -9.44 26.58 -10.90
C GLY A 375 -9.76 27.10 -9.52
N ASP A 376 -11.01 26.85 -9.10
CA ASP A 376 -11.50 27.10 -7.75
C ASP A 376 -11.83 25.79 -7.01
N ILE A 377 -11.01 24.75 -7.25
CA ILE A 377 -11.25 23.44 -6.64
C ILE A 377 -11.13 23.51 -5.11
N ARG A 378 -11.91 22.68 -4.41
CA ARG A 378 -11.90 22.66 -2.95
C ARG A 378 -10.67 21.98 -2.39
N THR A 379 -10.32 22.34 -1.16
CA THR A 379 -9.28 21.64 -0.42
C THR A 379 -9.88 20.33 0.09
N MET A 380 -9.43 19.20 -0.45
CA MET A 380 -9.92 17.90 -0.01
C MET A 380 -8.98 16.76 -0.39
N VAL A 381 -9.18 15.63 0.28
CA VAL A 381 -8.43 14.42 0.00
C VAL A 381 -9.23 13.66 -1.05
N PHE A 382 -8.70 13.63 -2.27
CA PHE A 382 -9.41 13.11 -3.44
C PHE A 382 -9.02 11.65 -3.71
N PRO A 383 -9.99 10.72 -3.63
CA PRO A 383 -9.70 9.31 -3.85
C PRO A 383 -9.50 8.97 -5.32
N VAL A 384 -8.54 8.09 -5.60
CA VAL A 384 -8.19 7.71 -6.97
C VAL A 384 -8.48 6.23 -7.21
N MET A 385 -7.89 5.38 -6.38
CA MET A 385 -8.04 3.94 -6.52
C MET A 385 -7.63 3.23 -5.24
N TYR A 386 -8.37 2.19 -4.88
CA TYR A 386 -8.00 1.34 -3.75
C TYR A 386 -7.95 -0.10 -4.21
N LEU A 387 -7.30 -0.94 -3.41
CA LEU A 387 -7.14 -2.34 -3.78
C LEU A 387 -7.53 -3.31 -2.68
N ASN A 388 -7.75 -4.55 -3.07
CA ASN A 388 -7.85 -5.67 -2.14
C ASN A 388 -6.80 -6.71 -2.51
N GLU A 389 -5.76 -6.82 -1.70
CA GLU A 389 -4.79 -7.91 -1.84
C GLU A 389 -5.20 -9.04 -0.91
N SER A 390 -5.50 -10.21 -1.46
CA SER A 390 -6.11 -11.30 -0.70
C SER A 390 -5.42 -12.65 -0.90
N VAL A 391 -5.59 -13.53 0.09
CA VAL A 391 -5.11 -14.91 0.02
C VAL A 391 -6.18 -15.83 0.60
N HIS A 392 -6.21 -17.07 0.12
CA HIS A 392 -7.13 -18.08 0.65
C HIS A 392 -6.50 -19.47 0.50
N ILE A 393 -6.40 -20.18 1.62
CA ILE A 393 -5.86 -21.54 1.61
C ILE A 393 -6.85 -22.49 0.93
N ASP A 394 -6.32 -23.35 0.06
CA ASP A 394 -7.14 -24.34 -0.65
C ASP A 394 -7.24 -25.64 0.14
N LYS A 395 -8.11 -26.53 -0.30
CA LYS A 395 -8.39 -27.78 0.40
C LYS A 395 -7.17 -28.71 0.47
N GLU A 396 -6.42 -28.81 -0.63
CA GLU A 396 -5.28 -29.72 -0.69
C GLU A 396 -4.17 -29.34 0.26
N THR A 397 -3.82 -28.05 0.29
CA THR A 397 -2.78 -27.54 1.19
C THR A 397 -3.28 -27.51 2.64
N ALA A 398 -4.56 -27.20 2.84
CA ALA A 398 -5.15 -27.19 4.18
C ALA A 398 -5.10 -28.58 4.79
N SER A 399 -5.57 -29.57 4.04
CA SER A 399 -5.53 -30.97 4.47
C SER A 399 -4.11 -31.46 4.70
N ARG A 400 -3.17 -30.96 3.90
CA ARG A 400 -1.75 -31.25 4.09
C ARG A 400 -1.30 -30.75 5.46
N LEU A 401 -1.63 -29.49 5.75
CA LEU A 401 -1.28 -28.87 7.02
C LEU A 401 -2.02 -29.49 8.21
N LYS A 402 -3.27 -29.87 7.99
CA LYS A 402 -4.14 -30.40 9.06
C LYS A 402 -3.51 -31.56 9.83
N SER A 403 -2.75 -32.39 9.13
CA SER A 403 -2.14 -33.60 9.72
C SER A 403 -1.23 -33.30 10.92
N MET A 404 -0.33 -32.33 10.76
CA MET A 404 0.60 -31.96 11.84
C MET A 404 -0.14 -31.26 12.98
#